data_7PPV
#
_entry.id   7PPV
#
_cell.length_a   72.150
_cell.length_b   72.150
_cell.length_c   97.980
_cell.angle_alpha   90.000
_cell.angle_beta   90.000
_cell.angle_gamma   120.000
#
_symmetry.space_group_name_H-M   'P 63'
#
loop_
_entity.id
_entity.type
_entity.pdbx_description
1 polymer Sulerythrin
2 non-polymer 'CHLORIDE ION'
3 non-polymer 'FE (III) ION'
4 non-polymer 'HYDROXIDE ION'
5 water water
#
_entity_poly.entity_id   1
_entity_poly.type   'polypeptide(L)'
_entity_poly.pdbx_seq_one_letter_code
;MKDLKGTKTAENLKQGFIGESMANRRYLYFAKRADEEGYPEIAGLLRSIAEGETAHAFGHLDFIRQGGLTDPATDKPIGT
LEQMIESAIAGETYEWTQMYPGFAKVAREEGFPEVAEWFETLARAEKSHAEKFQNVLKQLKGGT
;
_entity_poly.pdbx_strand_id   A,B
#
loop_
_chem_comp.id
_chem_comp.type
_chem_comp.name
_chem_comp.formula
CL non-polymer 'CHLORIDE ION' 'Cl -1'
FE non-polymer 'FE (III) ION' 'Fe 3'
OH non-polymer 'HYDROXIDE ION' 'H O -1'
#
# COMPACT_ATOMS: atom_id res chain seq x y z
N MET A 1 4.19 -14.22 -22.05
CA MET A 1 4.43 -13.38 -20.83
C MET A 1 3.89 -11.97 -21.08
N LYS A 2 3.73 -11.63 -22.37
CA LYS A 2 3.16 -10.35 -22.74
C LYS A 2 1.63 -10.38 -22.72
N ASP A 3 1.02 -11.55 -22.54
CA ASP A 3 -0.43 -11.65 -22.38
C ASP A 3 -0.72 -12.59 -21.21
N LEU A 4 -0.89 -11.98 -20.04
CA LEU A 4 -1.14 -12.70 -18.80
C LEU A 4 -2.60 -12.72 -18.44
N LYS A 5 -3.46 -12.09 -19.24
CA LYS A 5 -4.86 -11.91 -18.86
C LYS A 5 -5.54 -13.26 -18.62
N GLY A 6 -6.29 -13.33 -17.53
CA GLY A 6 -7.10 -14.49 -17.23
C GLY A 6 -6.36 -15.61 -16.52
N THR A 7 -5.08 -15.44 -16.22
CA THR A 7 -4.29 -16.48 -15.59
C THR A 7 -4.30 -16.29 -14.09
N LYS A 8 -3.95 -17.35 -13.36
CA LYS A 8 -3.78 -17.22 -11.92
C LYS A 8 -2.59 -16.32 -11.60
N THR A 9 -1.53 -16.39 -12.43
CA THR A 9 -0.36 -15.53 -12.21
C THR A 9 -0.76 -14.05 -12.22
N ALA A 10 -1.72 -13.66 -13.07
CA ALA A 10 -2.20 -12.28 -13.07
C ALA A 10 -2.77 -11.90 -11.71
N GLU A 11 -3.58 -12.78 -11.12
CA GLU A 11 -4.16 -12.49 -9.82
C GLU A 11 -3.08 -12.46 -8.74
N ASN A 12 -2.07 -13.33 -8.87
CA ASN A 12 -1.00 -13.37 -7.87
C ASN A 12 -0.15 -12.10 -7.92
N LEU A 13 0.09 -11.56 -9.12
CA LEU A 13 0.82 -10.30 -9.21
C LEU A 13 0.04 -9.18 -8.52
N LYS A 14 -1.28 -9.16 -8.68
CA LYS A 14 -2.11 -8.17 -8.01
C LYS A 14 -2.02 -8.33 -6.49
N GLN A 15 -2.17 -9.56 -5.99
CA GLN A 15 -2.12 -9.77 -4.55
C GLN A 15 -0.74 -9.47 -3.99
N GLY A 16 0.31 -9.84 -4.73
CA GLY A 16 1.64 -9.46 -4.32
C GLY A 16 1.82 -7.96 -4.21
N PHE A 17 1.30 -7.23 -5.19
CA PHE A 17 1.39 -5.77 -5.15
C PHE A 17 0.72 -5.21 -3.91
N ILE A 18 -0.48 -5.70 -3.59
CA ILE A 18 -1.19 -5.21 -2.43
C ILE A 18 -0.39 -5.45 -1.15
N GLY A 19 0.12 -6.68 -0.99
CA GLY A 19 0.87 -7.00 0.22
C GLY A 19 2.15 -6.19 0.33
N GLU A 20 2.86 -6.03 -0.78
CA GLU A 20 4.09 -5.23 -0.72
C GLU A 20 3.80 -3.77 -0.40
N SER A 21 2.70 -3.22 -0.93
CA SER A 21 2.33 -1.84 -0.64
C SER A 21 2.06 -1.66 0.84
N MET A 22 1.30 -2.58 1.43
N MET A 22 1.30 -2.59 1.43
CA MET A 22 1.04 -2.49 2.86
CA MET A 22 1.01 -2.54 2.86
C MET A 22 2.32 -2.62 3.67
C MET A 22 2.28 -2.67 3.69
N ALA A 23 3.22 -3.51 3.24
CA ALA A 23 4.44 -3.74 4.01
C ALA A 23 5.27 -2.47 4.11
N ASN A 24 5.42 -1.75 3.00
CA ASN A 24 6.18 -0.52 3.07
C ASN A 24 5.55 0.47 4.03
N ARG A 25 4.22 0.67 3.95
CA ARG A 25 3.56 1.59 4.87
C ARG A 25 3.73 1.14 6.32
N ARG A 26 3.52 -0.15 6.59
CA ARG A 26 3.62 -0.66 7.96
C ARG A 26 5.01 -0.43 8.52
N TYR A 27 6.04 -0.74 7.73
CA TYR A 27 7.39 -0.66 8.28
C TYR A 27 7.83 0.78 8.53
N LEU A 28 7.39 1.72 7.69
CA LEU A 28 7.69 3.12 7.95
C LEU A 28 6.94 3.62 9.18
N TYR A 29 5.72 3.14 9.40
CA TYR A 29 5.00 3.51 10.60
C TYR A 29 5.70 2.95 11.83
N PHE A 30 6.10 1.68 11.78
CA PHE A 30 6.81 1.07 12.90
C PHE A 30 8.11 1.81 13.18
N ALA A 31 8.80 2.26 12.13
CA ALA A 31 10.06 2.97 12.32
C ALA A 31 9.89 4.24 13.15
N LYS A 32 8.75 4.91 13.02
CA LYS A 32 8.54 6.13 13.81
C LYS A 32 8.50 5.79 15.29
N ARG A 33 7.93 4.64 15.64
CA ARG A 33 7.94 4.23 17.04
C ARG A 33 9.34 3.91 17.52
N ALA A 34 10.13 3.20 16.70
CA ALA A 34 11.53 2.97 17.05
C ALA A 34 12.28 4.29 17.19
N ASP A 35 11.98 5.25 16.30
CA ASP A 35 12.60 6.57 16.40
C ASP A 35 12.33 7.23 17.75
N GLU A 36 11.06 7.30 18.13
CA GLU A 36 10.68 7.98 19.35
C GLU A 36 11.38 7.37 20.56
N GLU A 37 11.46 6.04 20.58
CA GLU A 37 11.95 5.32 21.74
C GLU A 37 13.47 5.25 21.83
N GLY A 38 14.18 5.69 20.79
CA GLY A 38 15.63 5.71 20.81
C GLY A 38 16.30 4.43 20.32
N TYR A 39 15.71 3.80 19.31
CA TYR A 39 16.27 2.60 18.69
C TYR A 39 16.63 2.94 17.24
N PRO A 40 17.68 3.73 17.02
CA PRO A 40 17.99 4.17 15.66
C PRO A 40 18.44 3.06 14.72
N GLU A 41 19.07 2.01 15.24
CA GLU A 41 19.46 0.90 14.36
C GLU A 41 18.24 0.11 13.91
N ILE A 42 17.29 -0.11 14.82
CA ILE A 42 16.05 -0.77 14.45
C ILE A 42 15.27 0.09 13.46
N ALA A 43 15.17 1.39 13.73
CA ALA A 43 14.48 2.28 12.81
C ALA A 43 15.14 2.24 11.44
N GLY A 44 16.47 2.27 11.40
CA GLY A 44 17.16 2.24 10.12
C GLY A 44 16.94 0.94 9.37
N LEU A 45 16.88 -0.18 10.09
CA LEU A 45 16.62 -1.46 9.43
C LEU A 45 15.22 -1.48 8.84
N LEU A 46 14.22 -1.03 9.62
CA LEU A 46 12.86 -0.94 9.12
C LEU A 46 12.80 -0.09 7.85
N ARG A 47 13.47 1.06 7.86
N ARG A 47 13.48 1.06 7.85
CA ARG A 47 13.47 1.93 6.68
CA ARG A 47 13.45 1.93 6.67
C ARG A 47 14.15 1.25 5.50
C ARG A 47 14.18 1.30 5.50
N SER A 48 15.25 0.53 5.75
CA SER A 48 15.94 -0.09 4.63
C SER A 48 15.13 -1.25 4.06
N ILE A 49 14.53 -2.07 4.93
CA ILE A 49 13.66 -3.14 4.45
C ILE A 49 12.47 -2.55 3.70
N ALA A 50 11.95 -1.42 4.16
CA ALA A 50 10.85 -0.78 3.44
C ALA A 50 11.25 -0.43 2.00
N GLU A 51 12.51 -0.04 1.78
CA GLU A 51 12.95 0.22 0.41
C GLU A 51 12.94 -1.07 -0.42
N GLY A 52 13.29 -2.20 0.19
CA GLY A 52 13.13 -3.48 -0.48
C GLY A 52 11.69 -3.72 -0.91
N GLU A 53 10.73 -3.41 -0.02
CA GLU A 53 9.33 -3.64 -0.36
C GLU A 53 8.87 -2.69 -1.46
N THR A 54 9.44 -1.49 -1.54
CA THR A 54 9.17 -0.63 -2.69
C THR A 54 9.61 -1.30 -3.98
N ALA A 55 10.84 -1.82 -3.99
CA ALA A 55 11.36 -2.48 -5.18
C ALA A 55 10.47 -3.66 -5.57
N HIS A 56 9.98 -4.41 -4.58
CA HIS A 56 9.11 -5.54 -4.87
C HIS A 56 7.80 -5.06 -5.50
N ALA A 57 7.17 -4.05 -4.90
CA ALA A 57 5.91 -3.54 -5.43
C ALA A 57 6.07 -3.04 -6.86
N PHE A 58 7.12 -2.26 -7.09
CA PHE A 58 7.34 -1.71 -8.42
C PHE A 58 7.60 -2.82 -9.43
N GLY A 59 8.32 -3.87 -9.02
CA GLY A 59 8.55 -4.98 -9.92
C GLY A 59 7.28 -5.72 -10.27
N HIS A 60 6.38 -5.88 -9.30
CA HIS A 60 5.08 -6.46 -9.63
C HIS A 60 4.35 -5.59 -10.67
N LEU A 61 4.38 -4.27 -10.50
CA LEU A 61 3.72 -3.39 -11.47
C LEU A 61 4.37 -3.49 -12.84
N ASP A 62 5.69 -3.64 -12.89
CA ASP A 62 6.37 -3.84 -14.17
C ASP A 62 5.79 -5.04 -14.91
N PHE A 63 5.67 -6.18 -14.22
CA PHE A 63 5.14 -7.38 -14.89
C PHE A 63 3.67 -7.20 -15.25
N ILE A 64 2.89 -6.54 -14.40
CA ILE A 64 1.49 -6.26 -14.69
C ILE A 64 1.37 -5.46 -15.98
N ARG A 65 2.14 -4.36 -16.09
CA ARG A 65 2.07 -3.55 -17.30
C ARG A 65 2.58 -4.30 -18.51
N GLN A 66 3.69 -5.02 -18.38
CA GLN A 66 4.23 -5.75 -19.52
C GLN A 66 3.30 -6.87 -19.98
N GLY A 67 2.50 -7.41 -19.08
CA GLY A 67 1.57 -8.46 -19.43
C GLY A 67 0.21 -8.00 -19.88
N GLY A 68 0.03 -6.69 -20.06
CA GLY A 68 -1.23 -6.16 -20.50
C GLY A 68 -2.32 -6.19 -19.46
N LEU A 69 -1.95 -6.23 -18.18
CA LEU A 69 -2.92 -6.29 -17.11
C LEU A 69 -3.23 -4.87 -16.63
N THR A 70 -4.24 -4.75 -15.78
CA THR A 70 -4.72 -3.44 -15.37
C THR A 70 -4.23 -3.11 -13.97
N ASP A 71 -4.45 -1.86 -13.59
CA ASP A 71 -4.06 -1.34 -12.29
C ASP A 71 -4.75 -2.10 -11.18
N PRO A 72 -4.00 -2.67 -10.23
CA PRO A 72 -4.64 -3.40 -9.12
C PRO A 72 -5.72 -2.61 -8.38
N ALA A 73 -5.61 -1.30 -8.33
CA ALA A 73 -6.54 -0.52 -7.52
C ALA A 73 -7.82 -0.14 -8.26
N THR A 74 -7.79 -0.06 -9.59
CA THR A 74 -8.89 0.52 -10.34
C THR A 74 -9.35 -0.33 -11.52
N ASP A 75 -8.61 -1.37 -11.89
CA ASP A 75 -8.90 -2.20 -13.05
C ASP A 75 -8.90 -1.42 -14.35
N LYS A 76 -8.09 -0.38 -14.44
CA LYS A 76 -7.92 0.41 -15.65
C LYS A 76 -6.49 0.22 -16.20
N PRO A 77 -6.30 0.33 -17.50
CA PRO A 77 -4.95 0.17 -18.05
C PRO A 77 -4.00 1.25 -17.56
N ILE A 78 -2.72 0.88 -17.41
CA ILE A 78 -1.70 1.83 -16.97
C ILE A 78 -0.44 1.72 -17.80
N GLY A 79 -0.60 1.60 -19.11
CA GLY A 79 0.54 1.52 -20.00
C GLY A 79 1.23 2.85 -20.20
N THR A 80 0.49 3.86 -20.63
CA THR A 80 1.05 5.18 -20.90
C THR A 80 0.82 6.10 -19.72
N LEU A 81 1.51 7.25 -19.73
CA LEU A 81 1.34 8.22 -18.66
C LEU A 81 -0.09 8.74 -18.60
N GLU A 82 -0.69 9.03 -19.77
CA GLU A 82 -2.08 9.46 -19.77
C GLU A 82 -2.98 8.42 -19.13
N GLN A 83 -2.76 7.14 -19.46
CA GLN A 83 -3.56 6.09 -18.85
C GLN A 83 -3.35 6.05 -17.34
N MET A 84 -2.10 6.21 -16.90
CA MET A 84 -1.82 6.23 -15.47
C MET A 84 -2.62 7.34 -14.78
N ILE A 85 -2.63 8.54 -15.36
CA ILE A 85 -3.37 9.65 -14.77
C ILE A 85 -4.87 9.36 -14.79
N GLU A 86 -5.37 8.78 -15.88
CA GLU A 86 -6.79 8.44 -15.94
C GLU A 86 -7.15 7.42 -14.85
N SER A 87 -6.24 6.49 -14.55
CA SER A 87 -6.47 5.55 -13.46
C SER A 87 -6.51 6.28 -12.12
N ALA A 88 -5.58 7.22 -11.91
CA ALA A 88 -5.60 7.99 -10.68
C ALA A 88 -6.92 8.75 -10.52
N ILE A 89 -7.40 9.38 -11.60
CA ILE A 89 -8.66 10.12 -11.53
C ILE A 89 -9.80 9.19 -11.13
N ALA A 90 -9.87 8.02 -11.76
CA ALA A 90 -10.98 7.11 -11.49
C ALA A 90 -10.96 6.68 -10.04
N GLY A 91 -9.79 6.35 -9.52
CA GLY A 91 -9.71 5.88 -8.15
C GLY A 91 -10.07 6.97 -7.16
N GLU A 92 -9.58 8.18 -7.37
N GLU A 92 -9.56 8.19 -7.37
CA GLU A 92 -9.88 9.26 -6.43
CA GLU A 92 -9.86 9.28 -6.46
C GLU A 92 -11.35 9.64 -6.50
C GLU A 92 -11.34 9.63 -6.50
N THR A 93 -11.94 9.56 -7.70
CA THR A 93 -13.36 9.87 -7.82
C THR A 93 -14.20 8.87 -7.05
N TYR A 94 -13.87 7.58 -7.14
CA TYR A 94 -14.57 6.60 -6.33
C TYR A 94 -14.46 6.92 -4.83
N GLU A 95 -13.27 7.35 -4.39
N GLU A 95 -13.27 7.35 -4.39
CA GLU A 95 -13.04 7.54 -2.97
CA GLU A 95 -13.04 7.53 -2.96
C GLU A 95 -13.83 8.71 -2.40
C GLU A 95 -13.82 8.71 -2.40
N TRP A 96 -13.91 9.82 -3.14
CA TRP A 96 -14.61 10.99 -2.63
C TRP A 96 -16.12 10.95 -2.87
N THR A 97 -16.57 10.33 -3.95
CA THR A 97 -18.00 10.30 -4.20
C THR A 97 -18.71 9.17 -3.48
N GLN A 98 -18.02 8.06 -3.20
CA GLN A 98 -18.70 6.91 -2.64
C GLN A 98 -18.01 6.39 -1.39
N MET A 99 -16.71 6.08 -1.48
CA MET A 99 -16.10 5.27 -0.42
C MET A 99 -16.03 6.01 0.91
N TYR A 100 -15.34 7.15 0.96
CA TYR A 100 -15.13 7.81 2.24
C TYR A 100 -16.43 8.41 2.81
N PRO A 101 -17.33 8.99 1.99
CA PRO A 101 -18.62 9.41 2.56
C PRO A 101 -19.40 8.26 3.17
N GLY A 102 -19.37 7.10 2.53
CA GLY A 102 -20.04 5.95 3.10
C GLY A 102 -19.39 5.49 4.39
N PHE A 103 -18.06 5.44 4.42
CA PHE A 103 -17.36 5.11 5.66
C PHE A 103 -17.70 6.09 6.77
N ALA A 104 -17.78 7.38 6.43
CA ALA A 104 -18.08 8.39 7.44
C ALA A 104 -19.48 8.20 8.02
N LYS A 105 -20.46 7.92 7.15
CA LYS A 105 -21.82 7.71 7.61
C LYS A 105 -21.89 6.51 8.56
N VAL A 106 -21.22 5.42 8.22
CA VAL A 106 -21.22 4.23 9.07
C VAL A 106 -20.56 4.56 10.41
N ALA A 107 -19.44 5.28 10.38
CA ALA A 107 -18.77 5.63 11.63
C ALA A 107 -19.66 6.50 12.51
N ARG A 108 -20.36 7.48 11.93
N ARG A 108 -20.36 7.47 11.92
CA ARG A 108 -21.27 8.28 12.73
CA ARG A 108 -21.28 8.29 12.72
C ARG A 108 -22.38 7.44 13.33
C ARG A 108 -22.36 7.43 13.33
N GLU A 109 -22.94 6.53 12.54
CA GLU A 109 -24.08 5.73 13.02
C GLU A 109 -23.65 4.77 14.11
N GLU A 110 -22.40 4.31 14.08
CA GLU A 110 -21.88 3.40 15.09
C GLU A 110 -21.32 4.12 16.31
N GLY A 111 -21.41 5.45 16.36
CA GLY A 111 -20.97 6.17 17.56
C GLY A 111 -19.49 6.46 17.64
N PHE A 112 -18.83 6.64 16.49
CA PHE A 112 -17.39 6.94 16.42
C PHE A 112 -17.18 8.27 15.70
N PRO A 113 -17.56 9.38 16.33
CA PRO A 113 -17.51 10.68 15.61
C PRO A 113 -16.12 11.14 15.21
N GLU A 114 -15.08 10.82 15.98
CA GLU A 114 -13.73 11.21 15.60
C GLU A 114 -13.30 10.48 14.34
N VAL A 115 -13.66 9.20 14.24
CA VAL A 115 -13.36 8.46 13.02
C VAL A 115 -14.18 8.99 11.86
N ALA A 116 -15.45 9.32 12.11
CA ALA A 116 -16.27 9.90 11.04
C ALA A 116 -15.67 11.19 10.52
N GLU A 117 -15.24 12.08 11.44
CA GLU A 117 -14.63 13.34 11.02
C GLU A 117 -13.38 13.11 10.19
N TRP A 118 -12.57 12.11 10.55
CA TRP A 118 -11.41 11.76 9.75
C TRP A 118 -11.81 11.31 8.36
N PHE A 119 -12.81 10.44 8.26
CA PHE A 119 -13.25 10.01 6.94
C PHE A 119 -13.80 11.17 6.11
N GLU A 120 -14.48 12.13 6.76
N GLU A 120 -14.47 12.13 6.76
CA GLU A 120 -14.97 13.29 6.04
CA GLU A 120 -14.96 13.30 6.04
C GLU A 120 -13.80 14.17 5.55
C GLU A 120 -13.81 14.18 5.56
N THR A 121 -12.78 14.34 6.39
CA THR A 121 -11.58 15.06 5.96
C THR A 121 -10.97 14.39 4.74
N LEU A 122 -10.87 13.06 4.78
CA LEU A 122 -10.29 12.32 3.67
C LEU A 122 -11.15 12.42 2.42
N ALA A 123 -12.49 12.41 2.55
CA ALA A 123 -13.32 12.59 1.37
C ALA A 123 -13.01 13.90 0.68
N ARG A 124 -12.90 14.98 1.45
CA ARG A 124 -12.58 16.28 0.86
C ARG A 124 -11.18 16.25 0.26
N ALA A 125 -10.24 15.57 0.92
CA ALA A 125 -8.89 15.50 0.38
C ALA A 125 -8.86 14.76 -0.95
N GLU A 126 -9.60 13.65 -1.06
CA GLU A 126 -9.58 12.92 -2.32
C GLU A 126 -10.28 13.68 -3.44
N LYS A 127 -11.29 14.50 -3.11
CA LYS A 127 -11.88 15.35 -4.12
C LYS A 127 -10.84 16.34 -4.65
N SER A 128 -10.03 16.90 -3.76
CA SER A 128 -8.96 17.80 -4.19
CA SER A 128 -8.97 17.79 -4.18
C SER A 128 -7.93 17.05 -5.04
N HIS A 129 -7.53 15.85 -4.61
CA HIS A 129 -6.60 15.08 -5.43
C HIS A 129 -7.18 14.83 -6.80
N ALA A 130 -8.46 14.44 -6.87
CA ALA A 130 -9.08 14.18 -8.18
C ALA A 130 -8.99 15.40 -9.07
N GLU A 131 -9.26 16.59 -8.52
CA GLU A 131 -9.20 17.82 -9.31
C GLU A 131 -7.77 18.09 -9.79
N LYS A 132 -6.77 17.82 -8.95
CA LYS A 132 -5.39 18.03 -9.37
C LYS A 132 -5.00 17.05 -10.47
N PHE A 133 -5.41 15.79 -10.36
CA PHE A 133 -5.13 14.86 -11.44
C PHE A 133 -5.85 15.24 -12.73
N GLN A 134 -7.08 15.74 -12.63
CA GLN A 134 -7.81 16.23 -13.81
C GLN A 134 -7.02 17.35 -14.48
N ASN A 135 -6.44 18.25 -13.67
N ASN A 135 -6.42 18.24 -13.69
CA ASN A 135 -5.59 19.30 -14.20
CA ASN A 135 -5.62 19.31 -14.28
C ASN A 135 -4.38 18.72 -14.93
C ASN A 135 -4.35 18.76 -14.91
N VAL A 136 -3.76 17.69 -14.36
CA VAL A 136 -2.63 17.03 -15.01
C VAL A 136 -3.06 16.50 -16.37
N LEU A 137 -4.20 15.85 -16.42
CA LEU A 137 -4.65 15.29 -17.69
C LEU A 137 -4.88 16.41 -18.70
N LYS A 138 -5.47 17.52 -18.28
CA LYS A 138 -5.64 18.67 -19.18
C LYS A 138 -4.30 19.13 -19.73
N GLN A 139 -3.27 19.14 -18.89
CA GLN A 139 -1.95 19.57 -19.34
C GLN A 139 -1.34 18.60 -20.32
N LEU A 140 -1.50 17.29 -20.07
CA LEU A 140 -0.96 16.30 -21.00
C LEU A 140 -1.65 16.40 -22.36
N LYS A 141 -2.92 16.72 -22.38
CA LYS A 141 -3.67 16.86 -23.62
C LYS A 141 -3.52 18.23 -24.27
N GLY A 142 -2.66 19.09 -23.74
CA GLY A 142 -2.42 20.40 -24.31
C GLY A 142 -2.83 21.53 -23.38
N MET B 1 -8.63 4.88 22.88
CA MET B 1 -9.97 5.35 22.42
C MET B 1 -11.03 4.27 22.64
N LYS B 2 -12.20 4.50 22.08
CA LYS B 2 -13.30 3.54 22.19
C LYS B 2 -13.00 2.29 21.38
N ASP B 3 -13.34 1.14 21.97
CA ASP B 3 -13.14 -0.19 21.37
C ASP B 3 -13.88 -0.33 20.05
N LEU B 4 -13.13 -0.60 18.97
CA LEU B 4 -13.71 -0.74 17.65
C LEU B 4 -13.99 -2.18 17.24
N LYS B 5 -13.63 -3.17 18.06
CA LYS B 5 -13.80 -4.55 17.67
C LYS B 5 -15.26 -4.86 17.35
N GLY B 6 -15.48 -5.60 16.26
CA GLY B 6 -16.80 -6.05 15.90
C GLY B 6 -17.63 -5.09 15.09
N THR B 7 -17.09 -3.92 14.75
CA THR B 7 -17.85 -2.91 14.02
C THR B 7 -17.57 -2.95 12.53
N LYS B 8 -18.48 -2.36 11.75
CA LYS B 8 -18.19 -2.14 10.34
C LYS B 8 -17.06 -1.15 10.17
N THR B 9 -16.98 -0.16 11.07
CA THR B 9 -15.92 0.82 11.01
C THR B 9 -14.55 0.17 11.08
N ALA B 10 -14.42 -0.90 11.87
CA ALA B 10 -13.13 -1.61 11.93
C ALA B 10 -12.75 -2.12 10.56
N GLU B 11 -13.71 -2.72 9.85
CA GLU B 11 -13.42 -3.25 8.52
C GLU B 11 -13.13 -2.11 7.54
N ASN B 12 -13.82 -0.98 7.68
CA ASN B 12 -13.59 0.13 6.77
C ASN B 12 -12.22 0.75 6.96
N LEU B 13 -11.73 0.82 8.20
CA LEU B 13 -10.38 1.29 8.43
C LEU B 13 -9.37 0.37 7.77
N LYS B 14 -9.59 -0.93 7.84
CA LYS B 14 -8.69 -1.87 7.17
C LYS B 14 -8.69 -1.65 5.66
N GLN B 15 -9.87 -1.56 5.06
CA GLN B 15 -9.95 -1.37 3.62
C GLN B 15 -9.38 -0.02 3.22
N GLY B 16 -9.62 1.02 4.02
CA GLY B 16 -9.00 2.30 3.76
C GLY B 16 -7.49 2.22 3.81
N PHE B 17 -6.94 1.50 4.79
CA PHE B 17 -5.48 1.35 4.86
C PHE B 17 -4.94 0.68 3.62
N ILE B 18 -5.60 -0.38 3.15
CA ILE B 18 -5.14 -1.08 1.95
C ILE B 18 -5.12 -0.14 0.76
N GLY B 19 -6.22 0.59 0.56
CA GLY B 19 -6.29 1.48 -0.59
C GLY B 19 -5.27 2.60 -0.55
N GLU B 20 -5.07 3.20 0.63
CA GLU B 20 -4.10 4.29 0.73
C GLU B 20 -2.69 3.78 0.49
N SER B 21 -2.38 2.58 0.98
CA SER B 21 -1.06 1.99 0.78
C SER B 21 -0.79 1.80 -0.71
N MET B 22 -1.75 1.22 -1.43
N MET B 22 -1.76 1.24 -1.43
CA MET B 22 -1.59 1.06 -2.87
CA MET B 22 -1.63 1.04 -2.87
C MET B 22 -1.44 2.40 -3.56
C MET B 22 -1.51 2.37 -3.60
N ALA B 23 -2.22 3.40 -3.14
CA ALA B 23 -2.20 4.69 -3.82
C ALA B 23 -0.81 5.30 -3.76
N ASN B 24 -0.17 5.25 -2.59
CA ASN B 24 1.18 5.81 -2.51
C ASN B 24 2.14 5.10 -3.46
N ARG B 25 2.10 3.76 -3.48
CA ARG B 25 2.97 3.01 -4.38
C ARG B 25 2.67 3.37 -5.83
N ARG B 26 1.38 3.39 -6.20
CA ARG B 26 1.01 3.67 -7.57
C ARG B 26 1.49 5.04 -7.99
N TYR B 27 1.26 6.06 -7.16
CA TYR B 27 1.59 7.41 -7.59
C TYR B 27 3.08 7.62 -7.69
N LEU B 28 3.89 6.98 -6.83
CA LEU B 28 5.34 7.08 -6.97
C LEU B 28 5.81 6.37 -8.23
N TYR B 29 5.19 5.25 -8.59
CA TYR B 29 5.53 4.59 -9.84
C TYR B 29 5.17 5.46 -11.04
N PHE B 30 3.97 6.07 -11.02
CA PHE B 30 3.57 6.95 -12.12
C PHE B 30 4.52 8.14 -12.21
N ALA B 31 4.98 8.65 -11.06
CA ALA B 31 5.90 9.78 -11.06
C ALA B 31 7.19 9.45 -11.78
N LYS B 32 7.66 8.21 -11.71
CA LYS B 32 8.88 7.85 -12.42
C LYS B 32 8.70 7.94 -13.93
N ARG B 33 7.51 7.60 -14.43
CA ARG B 33 7.24 7.76 -15.86
C ARG B 33 7.19 9.23 -16.24
N ALA B 34 6.55 10.06 -15.42
CA ALA B 34 6.57 11.50 -15.65
C ALA B 34 8.00 12.03 -15.63
N ASP B 35 8.84 11.54 -14.71
CA ASP B 35 10.24 11.94 -14.66
C ASP B 35 10.94 11.66 -15.99
N GLU B 36 10.85 10.42 -16.45
CA GLU B 36 11.54 10.00 -17.65
C GLU B 36 11.12 10.86 -18.84
N GLU B 37 9.84 11.18 -18.92
CA GLU B 37 9.31 11.87 -20.09
C GLU B 37 9.52 13.37 -20.05
N GLY B 38 10.00 13.91 -18.94
CA GLY B 38 10.29 15.31 -18.84
C GLY B 38 9.13 16.17 -18.39
N TYR B 39 8.33 15.65 -17.47
CA TYR B 39 7.22 16.40 -16.88
C TYR B 39 7.49 16.59 -15.40
N PRO B 40 8.45 17.46 -15.05
CA PRO B 40 8.85 17.58 -13.63
C PRO B 40 7.78 18.17 -12.73
N GLU B 41 6.93 19.05 -13.24
CA GLU B 41 5.88 19.59 -12.38
C GLU B 41 4.81 18.54 -12.11
N ILE B 42 4.46 17.73 -13.11
CA ILE B 42 3.55 16.61 -12.89
C ILE B 42 4.16 15.60 -11.92
N ALA B 43 5.42 15.24 -12.14
CA ALA B 43 6.06 14.28 -11.25
C ALA B 43 6.07 14.80 -9.82
N GLY B 44 6.39 16.08 -9.64
CA GLY B 44 6.41 16.64 -8.30
C GLY B 44 5.05 16.64 -7.64
N LEU B 45 4.00 16.90 -8.43
CA LEU B 45 2.65 16.85 -7.88
C LEU B 45 2.29 15.42 -7.47
N LEU B 46 2.64 14.44 -8.30
N LEU B 46 2.60 14.44 -8.34
CA LEU B 46 2.33 13.06 -7.92
CA LEU B 46 2.37 13.05 -7.98
C LEU B 46 3.11 12.63 -6.69
C LEU B 46 3.04 12.70 -6.66
N ARG B 47 4.34 13.11 -6.54
N ARG B 47 4.32 13.09 -6.51
CA ARG B 47 5.07 12.82 -5.31
CA ARG B 47 5.06 12.80 -5.28
C ARG B 47 4.40 13.48 -4.11
C ARG B 47 4.45 13.50 -4.08
N SER B 48 3.92 14.70 -4.27
CA SER B 48 3.28 15.38 -3.15
CA SER B 48 3.27 15.39 -3.16
C SER B 48 1.95 14.73 -2.79
N ILE B 49 1.13 14.38 -3.78
CA ILE B 49 -0.10 13.64 -3.50
C ILE B 49 0.23 12.32 -2.80
N ALA B 50 1.31 11.65 -3.22
CA ALA B 50 1.70 10.41 -2.55
C ALA B 50 1.99 10.65 -1.07
N GLU B 51 2.57 11.81 -0.70
CA GLU B 51 2.77 12.11 0.71
C GLU B 51 1.44 12.27 1.44
N GLY B 52 0.43 12.85 0.76
CA GLY B 52 -0.90 12.86 1.33
C GLY B 52 -1.42 11.47 1.63
N GLU B 53 -1.20 10.53 0.69
CA GLU B 53 -1.69 9.18 0.91
C GLU B 53 -0.91 8.50 2.04
N THR B 54 0.36 8.85 2.24
CA THR B 54 1.07 8.38 3.43
C THR B 54 0.37 8.84 4.69
N ALA B 55 0.06 10.13 4.76
CA ALA B 55 -0.61 10.67 5.94
C ALA B 55 -1.93 9.95 6.17
N HIS B 56 -2.66 9.66 5.09
CA HIS B 56 -3.92 8.98 5.24
C HIS B 56 -3.72 7.56 5.79
N ALA B 57 -2.78 6.81 5.21
CA ALA B 57 -2.53 5.46 5.69
C ALA B 57 -2.12 5.44 7.15
N PHE B 58 -1.21 6.33 7.54
CA PHE B 58 -0.74 6.36 8.92
C PHE B 58 -1.88 6.73 9.86
N GLY B 59 -2.77 7.64 9.44
CA GLY B 59 -3.90 7.97 10.27
C GLY B 59 -4.86 6.81 10.44
N HIS B 60 -5.08 6.04 9.39
CA HIS B 60 -5.88 4.83 9.54
C HIS B 60 -5.25 3.90 10.58
N LEU B 61 -3.93 3.72 10.52
CA LEU B 61 -3.25 2.87 11.49
C LEU B 61 -3.36 3.41 12.91
N ASP B 62 -3.29 4.74 13.06
CA ASP B 62 -3.48 5.33 14.39
C ASP B 62 -4.81 4.90 14.99
N PHE B 63 -5.90 5.02 14.20
CA PHE B 63 -7.22 4.67 14.72
C PHE B 63 -7.33 3.17 14.97
N ILE B 64 -6.73 2.36 14.08
CA ILE B 64 -6.70 0.91 14.27
C ILE B 64 -6.04 0.57 15.61
N ARG B 65 -4.86 1.17 15.85
N ARG B 65 -4.88 1.15 15.86
CA ARG B 65 -4.10 0.90 17.07
CA ARG B 65 -4.17 0.84 17.10
C ARG B 65 -4.80 1.42 18.31
C ARG B 65 -4.88 1.39 18.32
N GLN B 66 -5.36 2.63 18.25
CA GLN B 66 -6.01 3.21 19.43
C GLN B 66 -7.35 2.56 19.75
N GLY B 67 -8.00 1.96 18.75
CA GLY B 67 -9.25 1.26 18.89
C GLY B 67 -9.12 -0.20 19.22
N GLY B 68 -7.92 -0.70 19.52
CA GLY B 68 -7.73 -2.07 19.91
C GLY B 68 -7.82 -3.08 18.79
N LEU B 69 -7.59 -2.67 17.56
CA LEU B 69 -7.65 -3.55 16.41
C LEU B 69 -6.26 -4.06 16.04
N THR B 70 -6.23 -5.01 15.12
CA THR B 70 -4.98 -5.65 14.76
C THR B 70 -4.47 -5.12 13.42
N ASP B 71 -3.25 -5.50 13.10
CA ASP B 71 -2.61 -5.09 11.86
C ASP B 71 -3.39 -5.59 10.65
N PRO B 72 -3.77 -4.70 9.72
CA PRO B 72 -4.49 -5.16 8.52
C PRO B 72 -3.80 -6.27 7.76
N ALA B 73 -2.48 -6.34 7.78
CA ALA B 73 -1.77 -7.30 6.96
C ALA B 73 -1.60 -8.67 7.62
N THR B 74 -1.64 -8.73 8.94
CA THR B 74 -1.26 -9.95 9.64
C THR B 74 -2.25 -10.36 10.72
N ASP B 75 -3.21 -9.50 11.07
CA ASP B 75 -4.14 -9.78 12.16
C ASP B 75 -3.42 -9.97 13.49
N LYS B 76 -2.29 -9.29 13.69
CA LYS B 76 -1.57 -9.33 14.94
C LYS B 76 -1.62 -7.96 15.61
N PRO B 77 -1.58 -7.89 16.95
CA PRO B 77 -1.59 -6.57 17.60
C PRO B 77 -0.34 -5.77 17.27
N ILE B 78 -0.50 -4.44 17.25
CA ILE B 78 0.63 -3.56 16.96
C ILE B 78 0.61 -2.38 17.92
N GLY B 79 0.37 -2.65 19.21
CA GLY B 79 0.36 -1.59 20.19
C GLY B 79 1.76 -1.12 20.54
N THR B 80 2.63 -2.06 20.91
CA THR B 80 3.99 -1.77 21.33
C THR B 80 4.99 -2.03 20.20
N LEU B 81 6.21 -1.54 20.38
CA LEU B 81 7.25 -1.79 19.38
C LEU B 81 7.52 -3.29 19.25
N GLU B 82 7.59 -4.01 20.37
CA GLU B 82 7.80 -5.45 20.28
C GLU B 82 6.69 -6.12 19.48
N GLN B 83 5.43 -5.73 19.72
CA GLN B 83 4.33 -6.29 18.95
C GLN B 83 4.45 -5.94 17.48
N MET B 84 4.88 -4.71 17.18
CA MET B 84 5.08 -4.31 15.79
C MET B 84 6.09 -5.22 15.10
N ILE B 85 7.22 -5.48 15.77
CA ILE B 85 8.23 -6.36 15.18
C ILE B 85 7.69 -7.78 15.02
N GLU B 86 6.90 -8.25 15.99
CA GLU B 86 6.30 -9.57 15.87
C GLU B 86 5.34 -9.63 14.68
N SER B 87 4.64 -8.53 14.39
CA SER B 87 3.79 -8.51 13.21
C SER B 87 4.61 -8.54 11.93
N ALA B 88 5.72 -7.79 11.90
CA ALA B 88 6.60 -7.85 10.74
C ALA B 88 7.09 -9.27 10.51
N ILE B 89 7.53 -9.95 11.58
CA ILE B 89 8.02 -11.32 11.43
C ILE B 89 6.93 -12.22 10.85
N ALA B 90 5.71 -12.09 11.38
CA ALA B 90 4.62 -12.97 10.94
C ALA B 90 4.32 -12.77 9.45
N GLY B 91 4.28 -11.52 9.00
CA GLY B 91 3.98 -11.25 7.61
C GLY B 91 5.07 -11.77 6.69
N GLU B 92 6.34 -11.49 7.03
N GLU B 92 6.34 -11.49 7.04
CA GLU B 92 7.43 -11.99 6.20
CA GLU B 92 7.45 -11.99 6.24
C GLU B 92 7.48 -13.51 6.21
C GLU B 92 7.43 -13.51 6.20
N THR B 93 7.13 -14.15 7.33
CA THR B 93 7.11 -15.60 7.38
C THR B 93 6.02 -16.17 6.47
N TYR B 94 4.83 -15.57 6.47
CA TYR B 94 3.80 -16.00 5.51
C TYR B 94 4.32 -15.90 4.08
N GLU B 95 5.00 -14.80 3.75
N GLU B 95 5.02 -14.80 3.75
CA GLU B 95 5.43 -14.56 2.37
CA GLU B 95 5.43 -14.56 2.37
C GLU B 95 6.46 -15.58 1.89
C GLU B 95 6.46 -15.58 1.89
N TRP B 96 7.44 -15.94 2.74
CA TRP B 96 8.49 -16.85 2.27
C TRP B 96 8.09 -18.32 2.42
N THR B 97 7.26 -18.65 3.41
CA THR B 97 6.90 -20.06 3.58
C THR B 97 5.73 -20.49 2.72
N GLN B 98 4.84 -19.56 2.35
CA GLN B 98 3.61 -19.93 1.67
C GLN B 98 3.39 -19.14 0.39
N MET B 99 3.36 -17.81 0.49
CA MET B 99 2.82 -17.01 -0.60
C MET B 99 3.72 -17.05 -1.84
N TYR B 100 4.96 -16.59 -1.72
CA TYR B 100 5.78 -16.48 -2.92
C TYR B 100 6.21 -17.83 -3.50
N PRO B 101 6.54 -18.85 -2.70
CA PRO B 101 6.79 -20.17 -3.31
C PRO B 101 5.59 -20.69 -4.09
N GLY B 102 4.38 -20.47 -3.56
CA GLY B 102 3.20 -20.89 -4.28
C GLY B 102 2.99 -20.11 -5.57
N PHE B 103 3.19 -18.80 -5.51
CA PHE B 103 3.13 -18.00 -6.73
C PHE B 103 4.14 -18.51 -7.76
N ALA B 104 5.34 -18.85 -7.31
CA ALA B 104 6.38 -19.32 -8.23
C ALA B 104 5.98 -20.62 -8.88
N LYS B 105 5.47 -21.57 -8.10
CA LYS B 105 5.02 -22.85 -8.65
C LYS B 105 3.94 -22.64 -9.71
N VAL B 106 2.96 -21.78 -9.44
CA VAL B 106 1.89 -21.52 -10.40
C VAL B 106 2.44 -20.88 -11.67
N ALA B 107 3.33 -19.90 -11.52
CA ALA B 107 3.91 -19.24 -12.70
C ALA B 107 4.65 -20.25 -13.58
N ARG B 108 5.38 -21.18 -12.97
CA ARG B 108 6.05 -22.21 -13.77
C ARG B 108 5.05 -23.09 -14.49
N GLU B 109 3.99 -23.50 -13.79
CA GLU B 109 2.98 -24.37 -14.40
C GLU B 109 2.27 -23.69 -15.57
N GLU B 110 2.05 -22.39 -15.48
CA GLU B 110 1.37 -21.62 -16.52
C GLU B 110 2.32 -21.16 -17.61
N GLY B 111 3.60 -21.57 -17.55
CA GLY B 111 4.54 -21.27 -18.60
C GLY B 111 5.16 -19.89 -18.55
N PHE B 112 5.32 -19.33 -17.36
CA PHE B 112 5.89 -17.99 -17.19
C PHE B 112 7.15 -18.05 -16.32
N PRO B 113 8.23 -18.65 -16.84
CA PRO B 113 9.42 -18.85 -15.99
C PRO B 113 10.10 -17.58 -15.52
N GLU B 114 10.06 -16.49 -16.29
CA GLU B 114 10.68 -15.25 -15.83
C GLU B 114 9.94 -14.67 -14.64
N VAL B 115 8.61 -14.75 -14.63
CA VAL B 115 7.85 -14.32 -13.48
C VAL B 115 8.12 -15.24 -12.30
N ALA B 116 8.25 -16.54 -12.57
CA ALA B 116 8.58 -17.49 -11.50
C ALA B 116 9.91 -17.16 -10.85
N GLU B 117 10.92 -16.82 -11.66
CA GLU B 117 12.23 -16.47 -11.11
C GLU B 117 12.13 -15.24 -10.21
N TRP B 118 11.31 -14.26 -10.60
CA TRP B 118 11.07 -13.09 -9.75
C TRP B 118 10.43 -13.49 -8.43
N PHE B 119 9.38 -14.31 -8.49
CA PHE B 119 8.75 -14.74 -7.25
C PHE B 119 9.72 -15.52 -6.36
N GLU B 120 10.63 -16.29 -6.97
CA GLU B 120 11.62 -17.03 -6.17
C GLU B 120 12.66 -16.10 -5.55
N THR B 121 13.09 -15.08 -6.29
CA THR B 121 13.94 -14.04 -5.72
C THR B 121 13.26 -13.39 -4.52
N LEU B 122 11.97 -13.06 -4.67
CA LEU B 122 11.26 -12.41 -3.57
C LEU B 122 11.09 -13.34 -2.38
N ALA B 123 10.86 -14.63 -2.61
CA ALA B 123 10.77 -15.57 -1.50
C ALA B 123 12.06 -15.55 -0.68
N ARG B 124 13.21 -15.60 -1.35
CA ARG B 124 14.47 -15.57 -0.62
C ARG B 124 14.65 -14.25 0.10
N ALA B 125 14.22 -13.14 -0.51
CA ALA B 125 14.35 -11.85 0.13
C ALA B 125 13.50 -11.76 1.39
N GLU B 126 12.27 -12.27 1.34
CA GLU B 126 11.44 -12.18 2.53
C GLU B 126 11.95 -13.08 3.66
N LYS B 127 12.57 -14.22 3.34
CA LYS B 127 13.19 -15.01 4.39
C LYS B 127 14.32 -14.22 5.06
N SER B 128 15.12 -13.51 4.26
CA SER B 128 16.16 -12.66 4.81
CA SER B 128 16.16 -12.65 4.80
C SER B 128 15.56 -11.57 5.70
N HIS B 129 14.49 -10.92 5.25
CA HIS B 129 13.83 -9.92 6.07
C HIS B 129 13.36 -10.53 7.39
N ALA B 130 12.71 -11.70 7.32
CA ALA B 130 12.23 -12.34 8.53
C ALA B 130 13.37 -12.59 9.52
N GLU B 131 14.50 -13.08 9.02
CA GLU B 131 15.64 -13.34 9.88
C GLU B 131 16.17 -12.07 10.53
N LYS B 132 16.19 -10.96 9.77
CA LYS B 132 16.68 -9.71 10.34
C LYS B 132 15.73 -9.19 11.42
N PHE B 133 14.42 -9.31 11.19
CA PHE B 133 13.46 -8.91 12.20
C PHE B 133 13.53 -9.81 13.44
N GLN B 134 13.74 -11.13 13.24
CA GLN B 134 13.89 -12.01 14.40
C GLN B 134 15.06 -11.58 15.28
N ASN B 135 16.16 -11.13 14.66
CA ASN B 135 17.30 -10.66 15.44
C ASN B 135 16.96 -9.40 16.23
N VAL B 136 16.16 -8.50 15.64
CA VAL B 136 15.71 -7.31 16.34
C VAL B 136 14.91 -7.69 17.58
N LEU B 137 13.98 -8.62 17.43
CA LEU B 137 13.12 -8.99 18.54
C LEU B 137 13.93 -9.57 19.69
N LYS B 138 14.87 -10.46 19.37
CA LYS B 138 15.73 -11.03 20.39
C LYS B 138 16.45 -9.92 21.16
N GLN B 139 16.90 -8.89 20.44
CA GLN B 139 17.62 -7.79 21.07
C GLN B 139 16.69 -6.91 21.91
N LEU B 140 15.46 -6.68 21.46
CA LEU B 140 14.51 -5.91 22.27
C LEU B 140 14.15 -6.66 23.55
N LYS B 141 14.02 -7.98 23.44
CA LYS B 141 13.62 -8.81 24.56
C LYS B 141 14.84 -9.09 25.42
CL CL C . 18.83 0.59 18.04
FE FE D . -6.47 8.98 -2.95
FE FE D . -5.79 10.74 -2.87
FE FE E . 8.61 -7.80 -0.24
O OH F . -6.51 7.88 -1.22
HO OH F . -5.92 7.73 -1.96
O OH G . 7.15 -8.19 1.38
HO OH G . 6.40 -7.64 1.66
CL CL H . 5.58 19.22 -16.11
FE FE I . 8.06 -8.54 3.04
FE FE I . 9.94 -8.23 3.19
FE FE J . -5.91 9.17 0.45
#